data_9FE1
#
_entry.id   9FE1
#
_cell.length_a   1.00
_cell.length_b   1.00
_cell.length_c   1.00
_cell.angle_alpha   90.00
_cell.angle_beta   90.00
_cell.angle_gamma   90.00
#
_symmetry.space_group_name_H-M   'P 1'
#
loop_
_entity.id
_entity.type
_entity.pdbx_description
1 polymer 'MHC class I antigen'
2 polymer Beta-2-microglobulin
3 polymer 'Cancer/testis antigen 1'
4 polymer 'DARPin NY_1'
#
loop_
_entity_poly.entity_id
_entity_poly.type
_entity_poly.pdbx_seq_one_letter_code
_entity_poly.pdbx_strand_id
1 'polypeptide(L)'
;MGSHSMRYFFTSVSRPGRGEPRFIAVGYVDDTQFVRFDSDAASQRMEPRAPWIEQEGPEYWDGETRKVKAHSQTHRVDLG
TLRGYYNQSEAGSHTVQRMYGCDVGSDWRFLRGYHQYAYDGKDYIALKEDLRSWTAADMAAQTTKHKWEAAHVAEQLRAY
LEGTCVEWLRRYLENGKETLQRTDAPKTHMTHHAVSDHEATLRCWALSFYPAEITLTWQRDGEDQTQDTELVETRPAGDG
TFQKWAAVVVPSGQEQRYTCHVQHEGLPKPLTLRWEPGSGGSAWSHPQFEK
;
A
2 'polypeptide(L)'
;MIQRTPKIQVYSRHPAENGKSNFLNCYVSGFHPSDIEVDLLKNGERIEKVEHSDLSFSKDWSFYLLYYTEFTPTEKDEYA
CRVNHVTLSQPKIVKWDRDM
;
B
3 'polypeptide(L)' SLLMWITQV C
4 'polypeptide(L)'
;MRGSHHHHHHENLYFQGSDLGKKLLQAARAGQLDEVRELLKAGADVNAKDLIGVTPLHLAAFSGHLEIVEVLLKASADVN
AKDVSGRTPLHVAAKHGHLEIVEVLLKAGADVNAKDLIGFTPLHLAAQFGHLEIVEVLLKAGADVNAQDKSGKTPADLAA
RAGHQDIAEVLQKAA
;
D
#
# COMPACT_ATOMS: atom_id res chain seq x y z
N GLY A 2 -6.04 -10.77 -19.73
CA GLY A 2 -4.70 -10.13 -19.59
C GLY A 2 -4.07 -10.38 -18.24
N SER A 3 -2.87 -9.84 -18.03
CA SER A 3 -2.25 -9.92 -16.72
C SER A 3 -3.02 -9.08 -15.70
N HIS A 4 -3.03 -9.56 -14.47
CA HIS A 4 -3.74 -8.90 -13.38
C HIS A 4 -2.81 -8.83 -12.17
N SER A 5 -3.05 -7.81 -11.35
CA SER A 5 -2.19 -7.52 -10.22
C SER A 5 -3.03 -7.20 -9.00
N MET A 6 -2.61 -7.71 -7.85
CA MET A 6 -3.07 -7.25 -6.54
C MET A 6 -1.91 -6.45 -5.97
N ARG A 7 -2.15 -5.17 -5.71
CA ARG A 7 -1.08 -4.25 -5.36
C ARG A 7 -1.43 -3.59 -4.04
N TYR A 8 -0.51 -3.63 -3.08
CA TYR A 8 -0.76 -3.01 -1.79
C TYR A 8 0.32 -1.95 -1.52
N PHE A 9 -0.11 -0.72 -1.32
CA PHE A 9 0.76 0.44 -1.09
C PHE A 9 0.58 0.95 0.32
N PHE A 10 1.67 1.07 1.06
CA PHE A 10 1.64 1.53 2.44
C PHE A 10 2.65 2.66 2.53
N THR A 11 2.26 3.72 3.22
CA THR A 11 3.15 4.84 3.47
C THR A 11 2.96 5.34 4.89
N SER A 12 4.06 5.78 5.49
CA SER A 12 4.12 6.23 6.86
C SER A 12 5.02 7.46 6.93
N VAL A 13 4.61 8.45 7.71
CA VAL A 13 5.35 9.70 7.78
C VAL A 13 5.45 10.12 9.24
N SER A 14 6.68 10.19 9.75
CA SER A 14 6.93 10.74 11.07
C SER A 14 6.47 12.19 11.15
N ARG A 15 5.70 12.50 12.18
CA ARG A 15 5.13 13.82 12.40
C ARG A 15 5.58 14.27 13.78
N PRO A 16 6.84 14.66 13.94
CA PRO A 16 7.38 14.96 15.26
C PRO A 16 6.61 16.08 15.94
N GLY A 17 6.45 15.95 17.24
CA GLY A 17 5.62 16.88 18.02
C GLY A 17 4.13 16.63 17.90
N ARG A 18 3.63 16.44 16.68
CA ARG A 18 2.23 16.03 16.54
C ARG A 18 1.98 14.66 17.16
N GLY A 19 2.97 13.77 17.12
CA GLY A 19 3.08 12.66 18.05
C GLY A 19 2.69 11.31 17.52
N GLU A 20 2.03 11.24 16.35
CA GLU A 20 1.64 9.97 15.76
C GLU A 20 1.95 10.05 14.27
N PRO A 21 2.57 9.03 13.68
CA PRO A 21 2.78 9.07 12.23
C PRO A 21 1.47 8.88 11.48
N ARG A 22 1.32 9.64 10.40
CA ARG A 22 0.28 9.36 9.43
C ARG A 22 0.57 8.03 8.74
N PHE A 23 -0.43 7.18 8.62
CA PHE A 23 -0.28 5.94 7.90
C PHE A 23 -1.45 5.79 6.93
N ILE A 24 -1.13 5.69 5.65
CA ILE A 24 -2.08 5.45 4.57
C ILE A 24 -1.81 4.08 3.99
N ALA A 25 -2.86 3.29 3.80
CA ALA A 25 -2.74 2.07 3.03
C ALA A 25 -3.83 2.01 1.98
N VAL A 26 -3.43 1.64 0.77
CA VAL A 26 -4.31 1.53 -0.38
C VAL A 26 -4.02 0.18 -1.03
N GLY A 27 -5.05 -0.60 -1.27
CA GLY A 27 -4.98 -1.74 -2.18
C GLY A 27 -5.67 -1.53 -3.52
N TYR A 28 -5.00 -2.01 -4.58
CA TYR A 28 -5.49 -2.03 -5.94
C TYR A 28 -5.52 -3.45 -6.46
N VAL A 29 -6.56 -3.74 -7.24
CA VAL A 29 -6.57 -4.86 -8.18
C VAL A 29 -6.50 -4.25 -9.57
N ASP A 30 -5.40 -4.54 -10.27
CA ASP A 30 -5.02 -3.82 -11.47
C ASP A 30 -5.02 -2.31 -11.24
N ASP A 31 -5.89 -1.57 -11.94
CA ASP A 31 -5.96 -0.12 -11.78
C ASP A 31 -7.11 0.36 -10.90
N THR A 32 -7.85 -0.54 -10.26
CA THR A 32 -9.05 -0.19 -9.52
C THR A 32 -8.76 -0.22 -8.02
N GLN A 33 -8.71 0.95 -7.41
CA GLN A 33 -8.66 1.05 -5.95
C GLN A 33 -9.86 0.39 -5.29
N PHE A 34 -9.58 -0.57 -4.42
CA PHE A 34 -10.60 -1.42 -3.79
C PHE A 34 -10.63 -1.33 -2.26
N VAL A 35 -9.52 -0.98 -1.60
CA VAL A 35 -9.51 -0.85 -0.14
C VAL A 35 -8.64 0.34 0.25
N ARG A 36 -8.83 0.81 1.49
CA ARG A 36 -8.06 1.93 2.00
C ARG A 36 -7.91 1.84 3.51
N PHE A 37 -6.93 2.58 4.02
CA PHE A 37 -6.83 2.87 5.45
C PHE A 37 -6.22 4.25 5.61
N ASP A 38 -6.71 5.00 6.60
CA ASP A 38 -6.02 6.21 7.05
C ASP A 38 -6.04 6.24 8.57
N SER A 39 -4.87 6.47 9.16
CA SER A 39 -4.77 6.68 10.60
C SER A 39 -5.73 7.77 11.07
N ASP A 40 -5.97 8.79 10.26
CA ASP A 40 -6.72 9.96 10.69
C ASP A 40 -8.21 9.85 10.37
N ALA A 41 -8.65 8.78 9.71
CA ALA A 41 -10.07 8.55 9.53
C ALA A 41 -10.70 8.08 10.83
N ALA A 42 -11.98 8.46 11.01
CA ALA A 42 -12.73 8.05 12.19
C ALA A 42 -13.00 6.55 12.22
N SER A 43 -13.18 5.92 11.06
CA SER A 43 -13.61 4.53 11.00
C SER A 43 -12.61 3.59 11.67
N GLN A 44 -11.32 3.83 11.49
CA GLN A 44 -10.25 2.94 11.98
C GLN A 44 -10.38 1.53 11.41
N ARG A 45 -11.01 1.40 10.26
CA ARG A 45 -11.30 0.12 9.63
C ARG A 45 -10.90 0.25 8.17
N MET A 46 -10.53 -0.86 7.55
CA MET A 46 -10.47 -0.87 6.10
C MET A 46 -11.87 -0.66 5.53
N GLU A 47 -11.95 0.15 4.48
CA GLU A 47 -13.20 0.64 3.93
C GLU A 47 -13.33 0.24 2.48
N PRO A 48 -14.46 -0.35 2.09
CA PRO A 48 -14.64 -0.74 0.68
C PRO A 48 -14.76 0.43 -0.28
N ARG A 49 -14.04 0.33 -1.40
CA ARG A 49 -14.06 1.29 -2.50
C ARG A 49 -14.64 0.70 -3.78
N ALA A 50 -15.10 -0.55 -3.73
CA ALA A 50 -15.67 -1.22 -4.88
C ALA A 50 -17.01 -1.82 -4.50
N PRO A 51 -17.94 -1.91 -5.44
CA PRO A 51 -19.19 -2.63 -5.16
C PRO A 51 -19.00 -4.12 -4.98
N TRP A 52 -17.96 -4.70 -5.58
CA TRP A 52 -17.67 -6.11 -5.34
C TRP A 52 -17.11 -6.32 -3.93
N ILE A 53 -16.16 -5.50 -3.51
CA ILE A 53 -15.51 -5.72 -2.21
C ILE A 53 -16.52 -5.65 -1.07
N GLU A 54 -17.49 -4.73 -1.14
CA GLU A 54 -18.55 -4.72 -0.15
C GLU A 54 -19.33 -6.03 0.00
N GLN A 55 -19.29 -6.95 -0.98
CA GLN A 55 -19.87 -8.27 -0.73
C GLN A 55 -19.10 -9.04 0.34
N GLU A 56 -17.81 -8.78 0.47
CA GLU A 56 -17.01 -9.33 1.56
C GLU A 56 -17.65 -8.96 2.90
N GLY A 57 -17.94 -9.98 3.72
CA GLY A 57 -18.45 -9.80 5.06
C GLY A 57 -17.54 -9.30 6.17
N PRO A 58 -18.15 -9.04 7.33
CA PRO A 58 -17.42 -8.47 8.48
C PRO A 58 -16.21 -9.25 8.97
N GLU A 59 -16.25 -10.59 9.01
CA GLU A 59 -15.09 -11.33 9.49
C GLU A 59 -13.83 -10.86 8.77
N TYR A 60 -13.93 -10.64 7.46
CA TYR A 60 -12.78 -10.23 6.68
C TYR A 60 -12.36 -8.81 7.04
N TRP A 61 -13.32 -7.90 7.18
CA TRP A 61 -12.97 -6.52 7.52
C TRP A 61 -12.30 -6.43 8.88
N ASP A 62 -12.80 -7.20 9.86
CA ASP A 62 -12.09 -7.36 11.14
C ASP A 62 -10.67 -7.86 10.97
N GLY A 63 -10.48 -8.96 10.22
CA GLY A 63 -9.15 -9.45 9.97
C GLY A 63 -8.23 -8.47 9.26
N GLU A 64 -8.73 -7.79 8.24
CA GLU A 64 -7.96 -6.75 7.58
C GLU A 64 -7.68 -5.56 8.47
N THR A 65 -8.60 -5.20 9.36
CA THR A 65 -8.30 -4.18 10.36
C THR A 65 -7.12 -4.60 11.23
N ARG A 66 -7.17 -5.82 11.77
CA ARG A 66 -6.05 -6.34 12.54
C ARG A 66 -4.74 -6.31 11.77
N LYS A 67 -4.74 -6.85 10.56
CA LYS A 67 -3.53 -6.86 9.74
C LYS A 67 -3.03 -5.46 9.40
N VAL A 68 -3.92 -4.54 9.04
CA VAL A 68 -3.47 -3.18 8.74
C VAL A 68 -2.96 -2.45 9.97
N LYS A 69 -3.54 -2.68 11.14
CA LYS A 69 -2.95 -2.15 12.36
C LYS A 69 -1.62 -2.80 12.70
N ALA A 70 -1.44 -4.07 12.36
CA ALA A 70 -0.11 -4.67 12.48
C ALA A 70 0.88 -4.01 11.53
N HIS A 71 0.45 -3.72 10.30
CA HIS A 71 1.26 -2.89 9.41
C HIS A 71 1.56 -1.53 10.03
N SER A 72 0.57 -0.89 10.64
CA SER A 72 0.79 0.42 11.25
C SER A 72 1.84 0.39 12.35
N GLN A 73 1.69 -0.49 13.34
CA GLN A 73 2.71 -0.64 14.38
C GLN A 73 4.07 -1.03 13.81
N THR A 74 4.10 -1.99 12.89
CA THR A 74 5.38 -2.40 12.32
C THR A 74 6.06 -1.25 11.59
N HIS A 75 5.35 -0.54 10.72
CA HIS A 75 5.92 0.61 10.05
C HIS A 75 6.34 1.72 11.01
N ARG A 76 5.59 1.92 12.09
CA ARG A 76 6.01 2.79 13.19
C ARG A 76 7.41 2.43 13.71
N VAL A 77 7.56 1.20 14.17
CA VAL A 77 8.85 0.78 14.70
C VAL A 77 9.92 0.78 13.61
N ASP A 78 9.55 0.49 12.36
CA ASP A 78 10.46 0.69 11.25
C ASP A 78 10.96 2.13 11.17
N LEU A 79 10.05 3.09 11.12
CA LEU A 79 10.44 4.49 11.19
C LEU A 79 11.50 4.77 12.23
N GLY A 80 11.24 4.34 13.46
CA GLY A 80 12.24 4.51 14.52
C GLY A 80 13.54 3.77 14.33
N THR A 81 13.50 2.53 13.85
CA THR A 81 14.73 1.79 13.58
C THR A 81 15.51 2.38 12.41
N LEU A 82 14.82 2.78 11.35
CA LEU A 82 15.46 3.41 10.22
C LEU A 82 16.13 4.72 10.61
N ARG A 83 15.47 5.53 11.44
CA ARG A 83 16.13 6.74 11.92
C ARG A 83 17.26 6.44 12.90
N GLY A 84 17.23 5.27 13.53
CA GLY A 84 18.43 4.78 14.20
C GLY A 84 19.58 4.41 13.27
N TYR A 85 19.32 3.60 12.24
CA TYR A 85 20.37 3.24 11.30
C TYR A 85 21.01 4.44 10.63
N TYR A 86 20.22 5.43 10.23
CA TYR A 86 20.75 6.59 9.52
C TYR A 86 21.29 7.68 10.45
N ASN A 87 21.13 7.56 11.75
CA ASN A 87 21.79 8.44 12.71
C ASN A 87 21.36 9.89 12.57
N GLN A 88 20.12 10.14 12.16
CA GLN A 88 19.62 11.48 11.91
C GLN A 88 18.72 11.89 13.07
N SER A 89 18.89 13.15 13.49
CA SER A 89 18.08 13.71 14.58
C SER A 89 16.58 13.63 14.31
N GLU A 90 15.85 13.47 15.42
CA GLU A 90 14.39 13.43 15.42
C GLU A 90 13.77 14.66 14.75
N ALA A 91 14.41 15.82 14.88
CA ALA A 91 13.78 17.09 14.54
C ALA A 91 13.59 17.27 13.04
N GLY A 92 12.73 16.42 12.46
CA GLY A 92 12.36 16.52 11.06
C GLY A 92 11.59 15.30 10.60
N SER A 93 10.71 15.50 9.61
CA SER A 93 9.85 14.44 9.12
C SER A 93 10.57 13.52 8.15
N HIS A 94 10.37 12.22 8.32
CA HIS A 94 10.84 11.22 7.38
C HIS A 94 9.67 10.31 7.01
N THR A 95 9.80 9.66 5.87
CA THR A 95 8.74 8.83 5.31
C THR A 95 9.25 7.42 5.08
N VAL A 96 8.37 6.46 5.36
CA VAL A 96 8.55 5.07 4.97
C VAL A 96 7.40 4.74 4.03
N GLN A 97 7.68 3.97 3.01
CA GLN A 97 6.65 3.40 2.17
C GLN A 97 7.03 1.99 1.75
N ARG A 98 6.01 1.17 1.53
CA ARG A 98 6.17 -0.23 1.21
C ARG A 98 5.12 -0.63 0.19
N MET A 99 5.49 -1.57 -0.67
CA MET A 99 4.61 -2.00 -1.74
C MET A 99 4.89 -3.45 -2.07
N TYR A 100 3.86 -4.29 -2.09
CA TYR A 100 4.03 -5.68 -2.47
C TYR A 100 2.81 -6.16 -3.22
N GLY A 101 2.97 -7.27 -3.93
CA GLY A 101 1.84 -7.91 -4.57
C GLY A 101 2.27 -9.02 -5.49
N CYS A 102 1.26 -9.78 -5.92
CA CYS A 102 1.42 -10.90 -6.85
C CYS A 102 0.71 -10.64 -8.17
N ASP A 103 1.40 -10.96 -9.27
CA ASP A 103 0.89 -10.80 -10.62
C ASP A 103 0.60 -12.17 -11.22
N VAL A 104 -0.50 -12.25 -11.96
CA VAL A 104 -0.93 -13.49 -12.61
C VAL A 104 -1.09 -13.26 -14.10
N GLY A 105 -0.86 -14.30 -14.88
CA GLY A 105 -1.05 -14.24 -16.31
C GLY A 105 -2.47 -14.52 -16.73
N SER A 106 -2.68 -14.58 -18.05
CA SER A 106 -4.01 -14.82 -18.59
C SER A 106 -4.61 -16.13 -18.10
N ASP A 107 -3.77 -17.12 -17.78
CA ASP A 107 -4.30 -18.35 -17.20
C ASP A 107 -4.67 -18.19 -15.73
N TRP A 108 -4.29 -17.07 -15.11
CA TRP A 108 -4.44 -16.81 -13.68
C TRP A 108 -3.53 -17.67 -12.83
N ARG A 109 -2.48 -18.25 -13.42
CA ARG A 109 -1.44 -18.89 -12.63
C ARG A 109 -0.55 -17.81 -12.03
N PHE A 110 0.09 -18.16 -10.92
CA PHE A 110 1.18 -17.32 -10.41
C PHE A 110 2.18 -16.98 -11.50
N LEU A 111 2.18 -15.73 -11.95
CA LEU A 111 3.20 -15.25 -12.86
C LEU A 111 4.44 -14.83 -12.07
N ARG A 112 4.29 -13.83 -11.21
CA ARG A 112 5.42 -13.12 -10.65
C ARG A 112 4.98 -12.53 -9.33
N GLY A 113 5.84 -12.61 -8.34
CA GLY A 113 5.70 -11.80 -7.14
C GLY A 113 6.91 -10.96 -6.83
N TYR A 114 6.69 -9.93 -6.02
CA TYR A 114 7.69 -8.92 -5.77
C TYR A 114 7.37 -8.26 -4.42
N HIS A 115 8.39 -7.74 -3.77
CA HIS A 115 8.20 -6.87 -2.60
C HIS A 115 9.30 -5.84 -2.58
N GLN A 116 8.95 -4.62 -2.17
CA GLN A 116 9.81 -3.46 -2.25
C GLN A 116 9.68 -2.61 -0.99
N TYR A 117 10.75 -1.90 -0.66
CA TYR A 117 10.78 -1.04 0.51
C TYR A 117 11.62 0.18 0.19
N ALA A 118 11.11 1.33 0.61
CA ALA A 118 11.71 2.65 0.38
C ALA A 118 11.78 3.43 1.68
N TYR A 119 12.92 4.04 1.95
CA TYR A 119 13.07 4.96 3.07
C TYR A 119 13.46 6.32 2.53
N ASP A 120 12.75 7.35 2.98
CA ASP A 120 13.02 8.74 2.66
C ASP A 120 12.87 9.02 1.16
N GLY A 121 12.01 8.25 0.51
CA GLY A 121 11.84 8.26 -0.93
C GLY A 121 12.85 7.49 -1.74
N LYS A 122 13.96 7.05 -1.15
CA LYS A 122 14.94 6.24 -1.87
C LYS A 122 14.64 4.76 -1.68
N ASP A 123 14.85 3.99 -2.74
CA ASP A 123 14.86 2.54 -2.69
C ASP A 123 15.79 2.02 -1.59
N TYR A 124 15.24 1.21 -0.70
CA TYR A 124 15.96 0.68 0.45
C TYR A 124 16.18 -0.83 0.36
N ILE A 125 15.13 -1.63 0.25
CA ILE A 125 15.26 -3.09 0.11
C ILE A 125 14.26 -3.56 -0.92
N ALA A 126 14.65 -4.55 -1.73
CA ALA A 126 13.72 -5.22 -2.63
C ALA A 126 13.91 -6.73 -2.62
N LEU A 127 12.79 -7.45 -2.61
CA LEU A 127 12.75 -8.87 -2.94
C LEU A 127 13.14 -9.12 -4.39
N LYS A 128 14.26 -9.80 -4.64
CA LYS A 128 14.54 -10.27 -5.98
C LYS A 128 13.45 -11.20 -6.47
N GLU A 129 13.27 -11.21 -7.80
CA GLU A 129 12.28 -12.05 -8.44
C GLU A 129 12.38 -13.52 -8.00
N ASP A 130 13.58 -13.99 -7.68
CA ASP A 130 13.73 -15.30 -7.07
C ASP A 130 12.86 -15.46 -5.82
N LEU A 131 12.50 -14.38 -5.16
CA LEU A 131 11.80 -14.39 -3.87
C LEU A 131 12.63 -14.97 -2.73
N ARG A 132 13.95 -15.03 -2.88
CA ARG A 132 14.80 -15.81 -2.00
C ARG A 132 15.96 -14.96 -1.49
N SER A 133 16.33 -13.93 -2.26
CA SER A 133 17.47 -13.09 -1.94
C SER A 133 17.04 -11.62 -2.03
N TRP A 134 17.83 -10.76 -1.38
CA TRP A 134 17.52 -9.35 -1.20
C TRP A 134 18.56 -8.48 -1.88
N THR A 135 18.09 -7.48 -2.63
CA THR A 135 18.92 -6.35 -3.07
C THR A 135 18.92 -5.28 -1.98
N ALA A 136 19.97 -5.27 -1.17
CA ALA A 136 20.24 -4.15 -0.26
C ALA A 136 20.77 -2.94 -1.01
N ALA A 137 20.26 -1.77 -0.63
CA ALA A 137 20.73 -0.49 -1.15
C ALA A 137 22.02 -0.01 -0.48
N ASP A 138 22.14 -0.18 0.84
CA ASP A 138 23.25 0.40 1.59
C ASP A 138 23.52 -0.45 2.83
N MET A 139 24.51 -0.01 3.63
CA MET A 139 24.87 -0.72 4.84
C MET A 139 23.71 -0.83 5.84
N ALA A 140 22.83 0.16 5.87
CA ALA A 140 21.61 0.02 6.69
C ALA A 140 20.69 -1.05 6.11
N ALA A 141 20.38 -0.93 4.82
CA ALA A 141 19.61 -1.99 4.17
C ALA A 141 20.35 -3.31 4.18
N GLN A 142 21.68 -3.28 4.13
CA GLN A 142 22.48 -4.49 4.32
C GLN A 142 22.21 -5.15 5.68
N THR A 143 22.22 -4.34 6.74
CA THR A 143 21.81 -4.80 8.07
C THR A 143 20.44 -5.47 8.05
N THR A 144 19.45 -4.78 7.51
CA THR A 144 18.11 -5.37 7.43
C THR A 144 18.10 -6.64 6.57
N LYS A 145 18.90 -6.68 5.51
CA LYS A 145 19.08 -7.91 4.74
C LYS A 145 19.53 -9.07 5.61
N HIS A 146 20.60 -8.87 6.39
CA HIS A 146 21.05 -9.89 7.34
C HIS A 146 19.96 -10.34 8.29
N LYS A 147 19.31 -9.38 8.96
CA LYS A 147 18.23 -9.72 9.88
C LYS A 147 17.13 -10.51 9.20
N TRP A 148 16.68 -10.09 8.02
CA TRP A 148 15.60 -10.78 7.34
C TRP A 148 16.01 -12.17 6.86
N GLU A 149 17.27 -12.33 6.45
CA GLU A 149 17.81 -13.64 6.12
C GLU A 149 17.76 -14.58 7.32
N ALA A 150 18.29 -14.13 8.46
CA ALA A 150 18.21 -14.92 9.68
C ALA A 150 16.77 -15.26 10.04
N ALA A 151 15.89 -14.26 10.03
CA ALA A 151 14.47 -14.47 10.29
C ALA A 151 13.73 -15.25 9.20
N HIS A 152 14.36 -15.53 8.06
CA HIS A 152 13.71 -16.21 6.94
C HIS A 152 12.49 -15.46 6.41
N VAL A 153 12.55 -14.13 6.42
CA VAL A 153 11.39 -13.33 6.01
C VAL A 153 10.95 -13.71 4.59
N ALA A 154 11.92 -14.05 3.74
CA ALA A 154 11.64 -14.42 2.36
C ALA A 154 10.73 -15.64 2.25
N GLU A 155 10.89 -16.62 3.15
CA GLU A 155 9.96 -17.76 3.14
C GLU A 155 8.53 -17.33 3.44
N GLN A 156 8.34 -16.43 4.41
CA GLN A 156 7.02 -15.87 4.66
C GLN A 156 6.47 -15.22 3.40
N LEU A 157 7.22 -14.28 2.85
CA LEU A 157 6.78 -13.54 1.67
C LEU A 157 6.46 -14.47 0.51
N ARG A 158 7.34 -15.42 0.21
CA ARG A 158 7.06 -16.47 -0.76
C ARG A 158 5.71 -17.15 -0.52
N ALA A 159 5.51 -17.67 0.70
CA ALA A 159 4.28 -18.38 1.01
C ALA A 159 3.04 -17.52 0.80
N TYR A 160 3.10 -16.25 1.19
CA TYR A 160 1.98 -15.35 0.95
C TYR A 160 1.79 -15.04 -0.53
N LEU A 161 2.82 -14.54 -1.19
CA LEU A 161 2.70 -14.06 -2.57
C LEU A 161 2.33 -15.18 -3.52
N GLU A 162 2.91 -16.36 -3.33
CA GLU A 162 2.58 -17.53 -4.14
C GLU A 162 1.22 -18.11 -3.77
N GLY A 163 0.87 -18.09 -2.49
CA GLY A 163 -0.38 -18.68 -2.04
C GLY A 163 -1.61 -17.81 -1.95
N THR A 164 -1.96 -17.33 -0.75
CA THR A 164 -3.23 -16.64 -0.55
C THR A 164 -3.43 -15.46 -1.51
N CYS A 165 -2.39 -14.65 -1.74
CA CYS A 165 -2.49 -13.58 -2.73
C CYS A 165 -3.21 -14.00 -4.01
N VAL A 166 -2.73 -15.07 -4.63
CA VAL A 166 -3.36 -15.59 -5.84
C VAL A 166 -4.82 -15.99 -5.58
N GLU A 167 -5.08 -16.77 -4.53
CA GLU A 167 -6.46 -17.15 -4.19
C GLU A 167 -7.39 -15.94 -4.12
N TRP A 168 -7.07 -14.98 -3.26
CA TRP A 168 -7.81 -13.72 -3.18
C TRP A 168 -7.93 -12.99 -4.52
N LEU A 169 -6.81 -12.76 -5.21
CA LEU A 169 -6.88 -12.16 -6.53
C LEU A 169 -7.88 -12.85 -7.46
N ARG A 170 -7.83 -14.18 -7.56
CA ARG A 170 -8.80 -14.90 -8.38
C ARG A 170 -10.24 -14.68 -7.93
N ARG A 171 -10.51 -14.83 -6.63
CA ARG A 171 -11.84 -14.48 -6.13
C ARG A 171 -12.28 -13.06 -6.50
N TYR A 172 -11.50 -12.03 -6.17
CA TYR A 172 -11.84 -10.68 -6.61
C TYR A 172 -12.16 -10.59 -8.11
N LEU A 173 -11.32 -11.17 -8.97
CA LEU A 173 -11.68 -11.17 -10.40
C LEU A 173 -12.98 -11.91 -10.68
N GLU A 174 -13.29 -12.96 -9.94
CA GLU A 174 -14.61 -13.57 -10.09
C GLU A 174 -15.71 -12.60 -9.68
N ASN A 175 -15.45 -11.80 -8.64
CA ASN A 175 -16.44 -10.85 -8.14
C ASN A 175 -16.46 -9.55 -8.93
N GLY A 176 -15.29 -9.08 -9.37
CA GLY A 176 -15.20 -7.95 -10.28
C GLY A 176 -15.40 -8.35 -11.73
N LYS A 177 -16.09 -9.48 -11.93
CA LYS A 177 -16.38 -10.04 -13.24
C LYS A 177 -16.85 -8.97 -14.22
N GLU A 178 -17.46 -7.91 -13.71
CA GLU A 178 -18.12 -6.91 -14.55
C GLU A 178 -17.42 -5.56 -14.54
N THR A 179 -16.34 -5.42 -13.78
CA THR A 179 -15.70 -4.12 -13.59
C THR A 179 -14.19 -4.16 -13.71
N LEU A 180 -13.53 -5.24 -13.31
CA LEU A 180 -12.10 -5.40 -13.54
C LEU A 180 -11.78 -6.14 -14.83
N GLN A 181 -12.70 -6.98 -15.31
CA GLN A 181 -12.51 -7.67 -16.58
C GLN A 181 -12.77 -6.78 -17.78
N ARG A 182 -13.43 -5.63 -17.59
CA ARG A 182 -13.71 -4.74 -18.70
C ARG A 182 -12.43 -4.22 -19.32
N THR A 183 -12.55 -3.79 -20.57
CA THR A 183 -11.67 -2.81 -21.18
C THR A 183 -12.51 -1.75 -21.88
N ASP A 184 -12.15 -0.49 -21.69
CA ASP A 184 -12.81 0.62 -22.37
C ASP A 184 -11.87 1.16 -23.44
N ALA A 185 -12.31 1.12 -24.68
CA ALA A 185 -11.50 1.62 -25.79
C ALA A 185 -11.46 3.14 -25.76
N PRO A 186 -10.29 3.76 -25.88
CA PRO A 186 -10.25 5.23 -25.90
C PRO A 186 -11.07 5.83 -27.02
N LYS A 187 -11.91 6.80 -26.66
CA LYS A 187 -12.44 7.73 -27.64
C LYS A 187 -11.39 8.80 -27.91
N THR A 188 -11.34 9.27 -29.15
CA THR A 188 -10.29 10.19 -29.57
C THR A 188 -10.86 11.26 -30.48
N HIS A 189 -10.26 12.45 -30.42
CA HIS A 189 -10.60 13.52 -31.33
C HIS A 189 -9.34 14.32 -31.63
N MET A 190 -9.30 14.88 -32.84
CA MET A 190 -8.30 15.87 -33.23
C MET A 190 -8.75 17.28 -32.89
N THR A 191 -7.77 18.14 -32.64
CA THR A 191 -8.02 19.58 -32.57
C THR A 191 -6.94 20.31 -33.37
N HIS A 192 -7.30 21.50 -33.86
CA HIS A 192 -6.43 22.30 -34.69
C HIS A 192 -6.36 23.72 -34.14
N HIS A 193 -5.15 24.22 -33.92
CA HIS A 193 -4.96 25.60 -33.48
C HIS A 193 -3.80 26.24 -34.24
N ALA A 194 -4.05 27.44 -34.74
CA ALA A 194 -3.01 28.28 -35.34
C ALA A 194 -2.22 28.95 -34.22
N VAL A 195 -1.20 28.25 -33.71
CA VAL A 195 -0.48 28.75 -32.55
C VAL A 195 0.37 29.96 -32.89
N SER A 196 0.63 30.21 -34.16
CA SER A 196 1.24 31.46 -34.60
C SER A 196 0.77 31.78 -36.01
N ASP A 197 1.21 32.92 -36.53
CA ASP A 197 0.89 33.28 -37.91
C ASP A 197 1.45 32.27 -38.91
N HIS A 198 2.44 31.48 -38.52
CA HIS A 198 3.06 30.49 -39.39
C HIS A 198 2.85 29.07 -38.88
N GLU A 199 3.08 28.84 -37.59
CA GLU A 199 3.04 27.49 -37.02
C GLU A 199 1.63 27.17 -36.53
N ALA A 200 1.31 25.88 -36.55
CA ALA A 200 0.07 25.38 -35.97
C ALA A 200 0.39 24.14 -35.16
N THR A 201 -0.60 23.66 -34.41
CA THR A 201 -0.53 22.35 -33.78
C THR A 201 -1.78 21.54 -34.08
N LEU A 202 -1.58 20.27 -34.41
CA LEU A 202 -2.62 19.25 -34.32
C LEU A 202 -2.43 18.47 -33.02
N ARG A 203 -3.49 18.37 -32.23
CA ARG A 203 -3.46 17.66 -30.96
C ARG A 203 -4.46 16.52 -31.00
N CYS A 204 -3.97 15.31 -30.68
CA CYS A 204 -4.78 14.11 -30.65
C CYS A 204 -5.08 13.75 -29.20
N TRP A 205 -6.38 13.59 -28.90
CA TRP A 205 -6.83 13.28 -27.56
C TRP A 205 -7.21 11.80 -27.47
N ALA A 206 -6.89 11.18 -26.34
CA ALA A 206 -7.50 9.93 -25.93
C ALA A 206 -8.05 10.09 -24.52
N LEU A 207 -9.26 9.62 -24.30
CA LEU A 207 -9.85 9.67 -22.97
C LEU A 207 -10.94 8.63 -22.85
N SER A 208 -11.34 8.36 -21.61
CA SER A 208 -12.39 7.38 -21.30
C SER A 208 -11.99 5.97 -21.72
N PHE A 209 -10.76 5.59 -21.39
CA PHE A 209 -10.24 4.25 -21.65
C PHE A 209 -9.82 3.59 -20.34
N TYR A 210 -9.92 2.26 -20.30
CA TYR A 210 -9.45 1.47 -19.19
C TYR A 210 -8.96 0.13 -19.72
N PRO A 211 -7.80 -0.37 -19.26
CA PRO A 211 -6.85 0.16 -18.28
C PRO A 211 -6.04 1.36 -18.77
N ALA A 212 -5.18 1.88 -17.89
CA ALA A 212 -4.44 3.10 -18.17
C ALA A 212 -3.42 2.94 -19.29
N GLU A 213 -2.94 1.73 -19.54
CA GLU A 213 -1.84 1.56 -20.48
C GLU A 213 -2.30 1.85 -21.91
N ILE A 214 -1.72 2.89 -22.50
CA ILE A 214 -2.05 3.31 -23.86
C ILE A 214 -0.79 3.85 -24.50
N THR A 215 -0.73 3.80 -25.83
CA THR A 215 0.33 4.44 -26.59
C THR A 215 -0.25 5.30 -27.70
N LEU A 216 0.29 6.51 -27.85
CA LEU A 216 0.00 7.41 -28.96
C LEU A 216 1.30 7.98 -29.51
N THR A 217 1.39 8.06 -30.83
CA THR A 217 2.61 8.53 -31.47
C THR A 217 2.28 9.22 -32.79
N TRP A 218 3.23 10.03 -33.26
CA TRP A 218 3.12 10.73 -34.53
C TRP A 218 4.06 10.14 -35.57
N GLN A 219 3.66 10.26 -36.83
CA GLN A 219 4.51 9.94 -37.96
C GLN A 219 4.22 10.91 -39.09
N ARG A 220 5.26 11.26 -39.84
CA ARG A 220 5.08 11.97 -41.11
C ARG A 220 4.97 10.99 -42.27
N ASP A 221 4.13 9.98 -42.09
CA ASP A 221 3.91 8.93 -43.09
C ASP A 221 5.22 8.23 -43.45
N GLY A 222 5.86 7.63 -42.45
CA GLY A 222 7.09 6.90 -42.64
C GLY A 222 8.33 7.55 -42.06
N GLU A 223 8.20 8.66 -41.34
CA GLU A 223 9.32 9.28 -40.66
C GLU A 223 8.95 9.56 -39.21
N ASP A 224 9.93 9.38 -38.31
CA ASP A 224 9.65 9.52 -36.89
C ASP A 224 9.38 10.98 -36.55
N GLN A 225 8.33 11.21 -35.77
CA GLN A 225 7.92 12.56 -35.36
C GLN A 225 7.94 12.73 -33.85
N THR A 226 8.70 11.90 -33.13
CA THR A 226 8.96 12.18 -31.71
C THR A 226 9.92 13.35 -31.51
N GLN A 227 9.70 14.44 -32.25
CA GLN A 227 10.61 15.58 -32.25
C GLN A 227 9.88 16.78 -31.69
N ASP A 228 9.11 17.46 -32.54
CA ASP A 228 8.38 18.67 -32.19
C ASP A 228 7.09 18.33 -31.47
N THR A 229 7.16 17.50 -30.42
CA THR A 229 6.00 16.86 -29.84
C THR A 229 6.10 16.94 -28.32
N GLU A 230 4.99 17.31 -27.69
CA GLU A 230 4.84 17.22 -26.24
C GLU A 230 3.78 16.21 -25.86
N LEU A 231 3.95 15.62 -24.68
CA LEU A 231 3.11 14.53 -24.20
C LEU A 231 2.92 14.69 -22.70
N VAL A 232 1.77 14.26 -22.22
CA VAL A 232 1.44 14.33 -20.79
C VAL A 232 1.20 12.92 -20.28
N GLU A 233 1.46 12.74 -18.99
CA GLU A 233 1.17 11.48 -18.33
C GLU A 233 -0.31 11.13 -18.49
N THR A 234 -0.59 9.82 -18.52
CA THR A 234 -1.99 9.39 -18.43
C THR A 234 -2.57 9.86 -17.12
N ARG A 235 -3.80 10.36 -17.19
CA ARG A 235 -4.45 10.96 -16.02
C ARG A 235 -5.84 10.40 -15.82
N PRO A 236 -6.28 10.27 -14.56
CA PRO A 236 -7.62 9.74 -14.24
C PRO A 236 -8.74 10.74 -14.45
N ALA A 237 -9.83 10.27 -15.06
CA ALA A 237 -11.02 11.08 -15.19
C ALA A 237 -11.77 11.20 -13.86
N GLY A 238 -11.58 10.24 -12.95
CA GLY A 238 -12.41 10.08 -11.77
C GLY A 238 -13.71 9.35 -11.99
N ASP A 239 -14.10 9.12 -13.23
CA ASP A 239 -15.09 8.12 -13.63
C ASP A 239 -14.58 6.71 -13.42
N GLY A 240 -13.38 6.54 -12.88
CA GLY A 240 -12.70 5.26 -12.88
C GLY A 240 -12.14 4.93 -14.25
N THR A 241 -11.53 5.92 -14.89
CA THR A 241 -11.09 5.89 -16.27
C THR A 241 -10.02 6.97 -16.39
N PHE A 242 -9.32 6.99 -17.52
CA PHE A 242 -8.14 7.83 -17.64
C PHE A 242 -8.22 8.68 -18.90
N GLN A 243 -7.25 9.58 -19.03
CA GLN A 243 -7.15 10.48 -20.17
C GLN A 243 -5.69 10.69 -20.53
N LYS A 244 -5.46 11.02 -21.79
CA LYS A 244 -4.14 11.46 -22.23
C LYS A 244 -4.32 12.22 -23.53
N TRP A 245 -3.35 13.08 -23.84
CA TRP A 245 -3.29 13.70 -25.16
C TRP A 245 -1.84 13.87 -25.60
N ALA A 246 -1.66 13.97 -26.92
CA ALA A 246 -0.39 14.29 -27.55
C ALA A 246 -0.64 15.24 -28.70
N ALA A 247 0.36 16.07 -29.01
CA ALA A 247 0.27 17.03 -30.08
C ALA A 247 1.51 16.97 -30.96
N VAL A 248 1.38 17.51 -32.17
CA VAL A 248 2.49 17.73 -33.08
C VAL A 248 2.48 19.20 -33.47
N VAL A 249 3.64 19.84 -33.39
CA VAL A 249 3.82 21.19 -33.89
C VAL A 249 4.06 21.10 -35.40
N VAL A 250 3.09 21.57 -36.18
CA VAL A 250 3.03 21.26 -37.61
C VAL A 250 2.77 22.56 -38.38
N PRO A 251 3.31 22.70 -39.59
CA PRO A 251 2.96 23.88 -40.39
C PRO A 251 1.46 23.96 -40.66
N SER A 252 0.94 25.19 -40.69
CA SER A 252 -0.40 25.43 -41.18
C SER A 252 -0.52 25.01 -42.64
N GLY A 253 -1.73 24.60 -43.03
CA GLY A 253 -1.99 24.26 -44.41
C GLY A 253 -1.37 22.96 -44.87
N GLN A 254 -0.95 22.11 -43.94
CA GLN A 254 -0.44 20.80 -44.31
C GLN A 254 -1.54 19.96 -44.95
N GLU A 255 -1.15 19.18 -45.96
CA GLU A 255 -2.12 18.52 -46.85
C GLU A 255 -2.64 17.24 -46.23
N GLN A 256 -3.05 17.29 -44.96
CA GLN A 256 -3.43 16.10 -44.21
C GLN A 256 -2.29 15.10 -44.14
N ARG A 257 -1.05 15.61 -44.12
CA ARG A 257 0.13 14.74 -44.16
C ARG A 257 0.31 13.99 -42.85
N TYR A 258 0.03 14.65 -41.73
CA TYR A 258 0.17 14.00 -40.43
C TYR A 258 -1.06 13.17 -40.09
N THR A 259 -0.87 12.24 -39.15
CA THR A 259 -1.91 11.31 -38.75
C THR A 259 -1.67 10.89 -37.31
N CYS A 260 -2.74 10.62 -36.59
CA CYS A 260 -2.67 10.13 -35.22
C CYS A 260 -2.91 8.62 -35.20
N HIS A 261 -1.88 7.89 -34.80
CA HIS A 261 -1.94 6.45 -34.62
C HIS A 261 -2.22 6.10 -33.17
N VAL A 262 -3.08 5.11 -32.97
CA VAL A 262 -3.56 4.73 -31.64
C VAL A 262 -3.40 3.22 -31.50
N GLN A 263 -2.98 2.79 -30.32
CA GLN A 263 -3.06 1.38 -29.94
C GLN A 263 -3.50 1.29 -28.50
N HIS A 264 -4.54 0.51 -28.24
CA HIS A 264 -4.98 0.21 -26.89
C HIS A 264 -5.63 -1.15 -26.90
N GLU A 265 -5.49 -1.88 -25.78
CA GLU A 265 -6.01 -3.23 -25.71
C GLU A 265 -7.50 -3.31 -26.00
N GLY A 266 -8.22 -2.19 -25.93
CA GLY A 266 -9.63 -2.18 -26.26
C GLY A 266 -9.94 -2.26 -27.73
N LEU A 267 -8.96 -1.98 -28.60
CA LEU A 267 -9.20 -1.93 -30.03
C LEU A 267 -8.78 -3.23 -30.71
N PRO A 268 -9.70 -4.09 -31.12
CA PRO A 268 -9.27 -5.29 -31.86
C PRO A 268 -8.72 -4.95 -33.23
N LYS A 269 -9.32 -3.97 -33.89
CA LYS A 269 -8.78 -3.34 -35.08
C LYS A 269 -8.35 -1.92 -34.73
N PRO A 270 -7.06 -1.58 -34.78
CA PRO A 270 -6.66 -0.19 -34.59
C PRO A 270 -7.50 0.79 -35.39
N LEU A 271 -7.58 2.02 -34.90
CA LEU A 271 -8.50 3.05 -35.37
C LEU A 271 -7.73 4.33 -35.69
N THR A 272 -6.65 4.18 -36.46
CA THR A 272 -5.91 5.33 -36.94
C THR A 272 -6.76 6.19 -37.87
N LEU A 273 -6.65 7.49 -37.70
CA LEU A 273 -7.56 8.44 -38.34
C LEU A 273 -6.77 9.71 -38.62
N ARG A 274 -7.30 10.51 -39.55
CA ARG A 274 -6.53 11.59 -40.15
C ARG A 274 -7.34 12.88 -40.17
N TRP A 275 -6.64 13.99 -40.24
CA TRP A 275 -7.24 15.31 -40.41
C TRP A 275 -8.26 15.30 -41.55
N MET B 1 18.08 14.79 1.51
CA MET B 1 16.66 14.78 1.08
C MET B 1 16.55 14.83 -0.44
N ILE B 2 15.68 13.99 -0.98
CA ILE B 2 15.16 14.20 -2.33
C ILE B 2 13.96 15.15 -2.25
N GLN B 3 13.90 16.09 -3.19
CA GLN B 3 12.81 17.04 -3.30
C GLN B 3 12.35 17.06 -4.75
N ARG B 4 11.08 16.77 -4.96
CA ARG B 4 10.53 16.59 -6.30
C ARG B 4 9.25 17.41 -6.42
N THR B 5 9.10 18.08 -7.55
CA THR B 5 8.05 19.07 -7.67
C THR B 5 6.90 18.53 -8.50
N PRO B 6 5.66 18.70 -8.07
CA PRO B 6 4.55 18.01 -8.74
C PRO B 6 4.38 18.44 -10.19
N LYS B 7 4.10 17.46 -11.03
CA LYS B 7 3.36 17.71 -12.26
C LYS B 7 1.91 18.01 -11.94
N ILE B 8 1.42 19.16 -12.39
CA ILE B 8 0.08 19.64 -12.10
C ILE B 8 -0.72 19.60 -13.39
N GLN B 9 -1.94 19.07 -13.33
CA GLN B 9 -2.82 19.11 -14.48
C GLN B 9 -4.23 19.44 -14.04
N VAL B 10 -4.89 20.30 -14.81
CA VAL B 10 -6.26 20.73 -14.58
C VAL B 10 -7.11 20.33 -15.78
N TYR B 11 -8.24 19.69 -15.53
CA TYR B 11 -9.09 19.24 -16.62
C TYR B 11 -10.45 18.86 -16.07
N SER B 12 -11.36 18.54 -16.99
CA SER B 12 -12.70 18.10 -16.68
C SER B 12 -12.88 16.61 -16.94
N ARG B 13 -13.71 15.96 -16.12
CA ARG B 13 -14.00 14.55 -16.31
C ARG B 13 -14.56 14.26 -17.69
N HIS B 14 -15.34 15.18 -18.23
CA HIS B 14 -15.89 15.10 -19.57
C HIS B 14 -15.59 16.41 -20.29
N PRO B 15 -15.60 16.41 -21.62
CA PRO B 15 -15.42 17.67 -22.35
C PRO B 15 -16.41 18.74 -21.90
N ALA B 16 -15.89 19.94 -21.70
CA ALA B 16 -16.63 21.06 -21.12
C ALA B 16 -17.53 21.69 -22.17
N GLU B 17 -18.75 21.16 -22.29
CA GLU B 17 -19.81 21.79 -23.05
C GLU B 17 -20.87 22.33 -22.10
N ASN B 18 -21.23 23.61 -22.30
CA ASN B 18 -22.09 24.30 -21.36
C ASN B 18 -23.50 23.72 -21.39
N GLY B 19 -24.21 23.87 -20.26
CA GLY B 19 -25.53 23.29 -20.12
C GLY B 19 -25.53 21.87 -19.60
N LYS B 20 -24.41 21.41 -19.04
CA LYS B 20 -24.20 19.99 -18.77
C LYS B 20 -23.30 19.88 -17.56
N SER B 21 -23.74 19.11 -16.56
CA SER B 21 -22.95 18.94 -15.35
C SER B 21 -21.73 18.05 -15.60
N ASN B 22 -20.66 18.37 -14.91
CA ASN B 22 -19.42 17.61 -14.99
C ASN B 22 -18.59 17.90 -13.74
N PHE B 23 -17.34 17.46 -13.74
CA PHE B 23 -16.43 17.59 -12.60
C PHE B 23 -15.12 18.22 -13.03
N LEU B 24 -14.59 19.11 -12.19
CA LEU B 24 -13.26 19.67 -12.40
C LEU B 24 -12.23 18.86 -11.64
N ASN B 25 -11.20 18.41 -12.34
CA ASN B 25 -10.10 17.67 -11.76
C ASN B 25 -8.84 18.52 -11.76
N CYS B 26 -8.16 18.57 -10.61
CA CYS B 26 -6.74 18.91 -10.55
C CYS B 26 -5.96 17.66 -10.21
N TYR B 27 -5.15 17.18 -11.17
CA TYR B 27 -4.33 15.99 -10.99
C TYR B 27 -2.89 16.34 -10.69
N VAL B 28 -2.37 15.79 -9.61
CA VAL B 28 -1.01 16.06 -9.13
C VAL B 28 -0.29 14.72 -9.03
N SER B 29 0.91 14.67 -9.61
CA SER B 29 1.72 13.45 -9.60
C SER B 29 3.19 13.83 -9.49
N GLY B 30 3.98 12.90 -8.94
CA GLY B 30 5.42 13.01 -8.96
C GLY B 30 6.03 13.88 -7.88
N PHE B 31 5.26 14.30 -6.89
CA PHE B 31 5.80 15.08 -5.79
C PHE B 31 6.37 14.17 -4.71
N HIS B 32 7.38 14.68 -4.01
CA HIS B 32 7.92 14.01 -2.83
C HIS B 32 8.59 15.04 -1.92
N PRO B 33 8.26 15.07 -0.61
CA PRO B 33 7.30 14.26 0.14
C PRO B 33 5.82 14.55 -0.12
N SER B 34 4.95 13.90 0.64
CA SER B 34 3.50 13.94 0.43
C SER B 34 2.84 15.23 0.89
N ASP B 35 3.59 16.18 1.46
CA ASP B 35 2.99 17.32 2.14
C ASP B 35 2.74 18.46 1.16
N ILE B 36 1.78 18.23 0.26
CA ILE B 36 1.26 19.29 -0.59
C ILE B 36 0.18 20.07 0.15
N GLU B 37 -0.03 21.31 -0.28
CA GLU B 37 -1.30 22.00 -0.09
C GLU B 37 -1.80 22.42 -1.45
N VAL B 38 -3.04 22.05 -1.77
CA VAL B 38 -3.63 22.30 -3.08
C VAL B 38 -5.10 22.67 -2.92
N ASP B 39 -5.53 23.71 -3.62
CA ASP B 39 -6.91 24.15 -3.58
C ASP B 39 -7.32 24.67 -4.95
N LEU B 40 -8.57 24.39 -5.30
CA LEU B 40 -9.15 24.74 -6.60
C LEU B 40 -9.89 26.07 -6.48
N LEU B 41 -9.65 26.97 -7.43
CA LEU B 41 -10.24 28.29 -7.40
C LEU B 41 -11.38 28.38 -8.41
N LYS B 42 -12.29 29.31 -8.17
CA LYS B 42 -13.19 29.82 -9.19
C LYS B 42 -13.10 31.34 -9.21
N ASN B 43 -12.91 31.91 -10.39
CA ASN B 43 -12.91 33.35 -10.58
C ASN B 43 -11.92 34.04 -9.64
N GLY B 44 -10.94 33.30 -9.14
CA GLY B 44 -9.89 33.88 -8.32
C GLY B 44 -10.01 33.62 -6.84
N GLU B 45 -10.95 32.79 -6.40
CA GLU B 45 -11.14 32.56 -4.98
C GLU B 45 -11.42 31.09 -4.70
N ARG B 46 -11.11 30.68 -3.48
CA ARG B 46 -11.09 29.28 -3.11
C ARG B 46 -12.51 28.69 -3.12
N ILE B 47 -12.67 27.59 -3.84
CA ILE B 47 -13.83 26.72 -3.59
C ILE B 47 -13.53 25.86 -2.37
N GLU B 48 -14.51 25.75 -1.48
CA GLU B 48 -14.33 25.00 -0.24
C GLU B 48 -14.64 23.52 -0.38
N LYS B 49 -15.52 23.16 -1.31
CA LYS B 49 -16.06 21.80 -1.37
C LYS B 49 -15.06 20.80 -1.95
N VAL B 50 -13.77 21.13 -1.98
CA VAL B 50 -12.81 20.30 -2.68
C VAL B 50 -12.59 18.99 -1.92
N GLU B 51 -12.48 17.91 -2.68
CA GLU B 51 -12.38 16.55 -2.14
C GLU B 51 -11.41 15.77 -3.02
N HIS B 52 -10.81 14.73 -2.44
CA HIS B 52 -9.66 14.11 -3.10
C HIS B 52 -9.60 12.63 -2.80
N SER B 53 -8.76 11.93 -3.56
CA SER B 53 -8.54 10.50 -3.45
C SER B 53 -7.55 10.16 -2.34
N ASP B 54 -7.37 8.85 -2.14
CA ASP B 54 -6.37 8.31 -1.22
C ASP B 54 -4.94 8.46 -1.73
N LEU B 55 -4.03 8.81 -0.82
CA LEU B 55 -2.62 8.98 -1.08
C LEU B 55 -1.91 7.73 -1.59
N SER B 56 -1.41 7.79 -2.82
CA SER B 56 -0.72 6.67 -3.45
C SER B 56 0.55 7.16 -4.13
N PHE B 57 1.53 6.26 -4.26
CA PHE B 57 2.85 6.57 -4.78
C PHE B 57 3.15 5.72 -6.01
N SER B 58 3.95 6.31 -6.92
CA SER B 58 4.42 5.70 -8.15
C SER B 58 5.62 4.76 -7.95
N LYS B 59 5.93 4.02 -9.02
CA LYS B 59 7.09 3.13 -9.06
C LYS B 59 8.36 3.80 -8.57
N ASP B 60 8.54 5.08 -8.84
CA ASP B 60 9.76 5.78 -8.45
C ASP B 60 9.68 6.35 -7.05
N TRP B 61 8.69 5.93 -6.25
CA TRP B 61 8.49 6.42 -4.89
C TRP B 61 8.03 7.88 -4.87
N SER B 62 7.17 8.26 -5.81
CA SER B 62 6.64 9.60 -5.84
C SER B 62 5.13 9.54 -5.68
N PHE B 63 4.61 10.45 -4.86
CA PHE B 63 3.19 10.54 -4.58
C PHE B 63 2.40 11.14 -5.74
N TYR B 64 1.17 10.67 -5.90
CA TYR B 64 0.21 11.29 -6.81
C TYR B 64 -1.17 11.32 -6.17
N LEU B 65 -1.89 12.42 -6.40
CA LEU B 65 -3.19 12.68 -5.80
C LEU B 65 -4.10 13.32 -6.83
N LEU B 66 -5.38 12.97 -6.78
CA LEU B 66 -6.43 13.66 -7.51
C LEU B 66 -7.30 14.47 -6.57
N TYR B 67 -7.51 15.74 -6.93
CA TYR B 67 -8.50 16.60 -6.31
C TYR B 67 -9.57 16.91 -7.36
N TYR B 68 -10.82 16.69 -6.98
CA TYR B 68 -11.94 16.88 -7.90
C TYR B 68 -13.13 17.48 -7.18
N THR B 69 -13.94 18.20 -7.96
CA THR B 69 -15.13 18.88 -7.45
C THR B 69 -16.21 18.82 -8.52
N GLU B 70 -17.46 18.86 -8.09
CA GLU B 70 -18.55 19.16 -9.00
C GLU B 70 -18.49 20.62 -9.43
N PHE B 71 -18.77 20.86 -10.71
CA PHE B 71 -18.97 22.21 -11.21
C PHE B 71 -19.83 22.12 -12.48
N THR B 72 -20.12 23.29 -13.07
CA THR B 72 -20.61 23.33 -14.43
C THR B 72 -19.88 24.48 -15.13
N PRO B 73 -19.40 24.29 -16.36
CA PRO B 73 -18.70 25.38 -17.06
C PRO B 73 -19.66 26.41 -17.63
N THR B 74 -19.20 27.66 -17.65
CA THR B 74 -19.80 28.72 -18.43
C THR B 74 -18.71 29.40 -19.25
N GLU B 75 -19.12 30.19 -20.24
CA GLU B 75 -18.17 30.99 -20.99
C GLU B 75 -17.57 32.14 -20.19
N LYS B 76 -18.08 32.42 -18.99
CA LYS B 76 -17.58 33.55 -18.21
C LYS B 76 -16.84 33.12 -16.95
N ASP B 77 -16.94 31.86 -16.56
CA ASP B 77 -16.15 31.36 -15.43
C ASP B 77 -14.67 31.43 -15.74
N GLU B 78 -13.88 31.49 -14.68
CA GLU B 78 -12.46 31.16 -14.76
C GLU B 78 -12.13 30.23 -13.60
N TYR B 79 -11.57 29.08 -13.93
CA TYR B 79 -11.14 28.08 -12.96
C TYR B 79 -9.63 27.93 -12.98
N ALA B 80 -9.04 27.76 -11.80
CA ALA B 80 -7.62 27.47 -11.69
C ALA B 80 -7.41 26.55 -10.50
N CYS B 81 -6.46 25.64 -10.64
CA CYS B 81 -5.89 24.93 -9.50
C CYS B 81 -4.72 25.75 -8.95
N ARG B 82 -4.62 25.81 -7.64
CA ARG B 82 -3.45 26.40 -7.01
C ARG B 82 -2.86 25.38 -6.05
N VAL B 83 -1.56 25.18 -6.15
CA VAL B 83 -0.84 24.10 -5.49
C VAL B 83 0.36 24.68 -4.78
N ASN B 84 0.67 24.15 -3.61
CA ASN B 84 1.89 24.53 -2.91
C ASN B 84 2.53 23.27 -2.37
N HIS B 85 3.86 23.22 -2.46
CA HIS B 85 4.63 22.10 -1.99
C HIS B 85 5.98 22.62 -1.54
N VAL B 86 6.66 21.86 -0.68
CA VAL B 86 7.93 22.31 -0.14
C VAL B 86 8.92 22.68 -1.25
N THR B 87 8.83 22.00 -2.40
CA THR B 87 9.72 22.33 -3.51
C THR B 87 9.37 23.66 -4.17
N LEU B 88 8.14 24.14 -4.02
CA LEU B 88 7.68 25.35 -4.69
C LEU B 88 7.79 26.52 -3.73
N SER B 89 8.63 27.50 -4.07
CA SER B 89 8.87 28.62 -3.17
C SER B 89 7.69 29.59 -3.15
N GLN B 90 6.91 29.63 -4.23
CA GLN B 90 5.71 30.42 -4.34
C GLN B 90 4.70 29.51 -5.03
N PRO B 91 3.42 29.55 -4.64
CA PRO B 91 2.49 28.52 -5.14
C PRO B 91 2.13 28.73 -6.61
N LYS B 92 2.41 27.71 -7.41
CA LYS B 92 2.14 27.73 -8.83
C LYS B 92 0.64 27.63 -9.09
N ILE B 93 0.14 28.52 -9.94
CA ILE B 93 -1.27 28.51 -10.35
C ILE B 93 -1.33 28.19 -11.83
N VAL B 94 -2.19 27.24 -12.20
CA VAL B 94 -2.42 26.89 -13.60
C VAL B 94 -3.91 27.03 -13.88
N LYS B 95 -4.27 28.00 -14.71
CA LYS B 95 -5.65 28.14 -15.15
C LYS B 95 -6.11 26.87 -15.87
N TRP B 96 -7.36 26.51 -15.65
CA TRP B 96 -8.04 25.60 -16.55
C TRP B 96 -8.06 26.18 -17.96
N ASP B 97 -7.54 25.42 -18.91
CA ASP B 97 -7.68 25.70 -20.34
C ASP B 97 -8.55 24.60 -20.95
N ARG B 98 -9.69 24.99 -21.50
CA ARG B 98 -10.63 24.00 -22.02
C ARG B 98 -10.04 23.13 -23.13
N ASP B 99 -8.83 23.45 -23.60
CA ASP B 99 -8.06 22.51 -24.41
C ASP B 99 -6.75 22.17 -23.70
N SER C 1 -6.34 -9.71 0.59
CA SER C 1 -5.80 -9.79 1.98
C SER C 1 -4.38 -9.30 2.10
N LEU C 2 -4.11 -8.55 3.15
CA LEU C 2 -2.76 -8.14 3.47
C LEU C 2 -1.92 -9.34 3.90
N LEU C 3 -0.61 -9.14 3.90
CA LEU C 3 0.32 -10.10 4.49
C LEU C 3 0.12 -10.16 5.99
N MET C 4 -0.07 -11.38 6.52
CA MET C 4 -0.36 -11.58 7.93
C MET C 4 0.86 -11.47 8.83
N TRP C 5 2.04 -11.84 8.35
CA TRP C 5 3.27 -11.75 9.17
C TRP C 5 4.31 -10.90 8.45
N ILE C 6 4.11 -9.59 8.50
CA ILE C 6 5.16 -8.64 8.14
C ILE C 6 6.20 -8.56 9.25
N THR C 7 7.47 -8.44 8.86
CA THR C 7 8.57 -8.32 9.80
C THR C 7 9.10 -6.89 9.82
N GLN C 8 9.58 -6.47 10.99
CA GLN C 8 10.10 -5.11 11.16
C GLN C 8 11.46 -4.95 10.49
N VAL C 9 11.77 -3.70 10.15
CA VAL C 9 12.99 -3.37 9.41
C VAL C 9 14.10 -2.96 10.37
N ASP D 19 -7.66 -33.45 4.16
CA ASP D 19 -6.64 -32.76 5.01
C ASP D 19 -7.33 -31.90 6.06
N LEU D 20 -7.50 -32.45 7.26
CA LEU D 20 -8.18 -31.72 8.32
C LEU D 20 -7.38 -30.52 8.77
N GLY D 21 -6.04 -30.63 8.74
CA GLY D 21 -5.19 -29.55 9.18
C GLY D 21 -5.39 -28.22 8.45
N LYS D 22 -5.51 -28.26 7.12
CA LYS D 22 -5.87 -27.04 6.40
C LYS D 22 -7.18 -26.42 6.91
N LYS D 23 -8.24 -27.22 7.05
CA LYS D 23 -9.49 -26.65 7.57
C LYS D 23 -9.32 -26.06 8.96
N LEU D 24 -8.64 -26.78 9.86
CA LEU D 24 -8.40 -26.24 11.20
C LEU D 24 -7.62 -24.93 11.17
N LEU D 25 -6.53 -24.89 10.40
CA LEU D 25 -5.78 -23.66 10.19
C LEU D 25 -6.65 -22.51 9.70
N GLN D 26 -7.42 -22.74 8.64
CA GLN D 26 -8.36 -21.73 8.15
C GLN D 26 -9.33 -21.26 9.23
N ALA D 27 -9.99 -22.21 9.91
CA ALA D 27 -10.93 -21.87 10.98
C ALA D 27 -10.28 -21.00 12.06
N ALA D 28 -9.07 -21.38 12.50
CA ALA D 28 -8.36 -20.53 13.46
C ALA D 28 -8.01 -19.18 12.85
N ARG D 29 -7.79 -19.12 11.53
CA ARG D 29 -7.57 -17.83 10.88
C ARG D 29 -8.86 -17.04 10.79
N ALA D 30 -9.97 -17.70 10.47
CA ALA D 30 -11.27 -17.06 10.34
C ALA D 30 -11.94 -16.81 11.69
N GLY D 31 -11.66 -17.65 12.68
CA GLY D 31 -12.32 -17.59 13.98
C GLY D 31 -13.63 -18.32 14.19
N GLN D 32 -13.94 -19.34 13.41
CA GLN D 32 -15.16 -20.14 13.64
C GLN D 32 -14.95 -21.01 14.88
N LEU D 33 -15.23 -20.43 16.05
CA LEU D 33 -14.96 -21.14 17.32
C LEU D 33 -15.69 -22.47 17.36
N ASP D 34 -16.94 -22.49 16.91
CA ASP D 34 -17.67 -23.77 16.88
C ASP D 34 -17.03 -24.71 15.88
N GLU D 35 -16.63 -24.19 14.72
CA GLU D 35 -15.95 -25.01 13.73
C GLU D 35 -14.62 -25.53 14.27
N VAL D 36 -13.91 -24.69 15.02
CA VAL D 36 -12.69 -25.10 15.75
C VAL D 36 -12.96 -26.28 16.66
N ARG D 37 -13.96 -26.17 17.54
CA ARG D 37 -14.29 -27.28 18.42
C ARG D 37 -14.67 -28.54 17.66
N GLU D 38 -15.53 -28.44 16.64
CA GLU D 38 -15.89 -29.67 15.93
C GLU D 38 -14.68 -30.29 15.25
N LEU D 39 -13.82 -29.48 14.65
CA LEU D 39 -12.63 -30.00 13.98
C LEU D 39 -11.69 -30.68 14.96
N LEU D 40 -11.44 -30.06 16.11
CA LEU D 40 -10.66 -30.72 17.15
C LEU D 40 -11.31 -32.03 17.57
N LYS D 41 -12.63 -32.07 17.70
CA LYS D 41 -13.31 -33.32 18.03
C LYS D 41 -13.05 -34.37 16.95
N ALA D 42 -13.13 -33.98 15.68
CA ALA D 42 -12.88 -34.91 14.59
C ALA D 42 -11.47 -35.51 14.65
N GLY D 43 -10.56 -34.88 15.38
CA GLY D 43 -9.20 -35.35 15.50
C GLY D 43 -8.12 -34.55 14.78
N ALA D 44 -8.40 -33.32 14.37
CA ALA D 44 -7.38 -32.51 13.70
C ALA D 44 -6.17 -32.36 14.61
N ASP D 45 -4.97 -32.39 14.02
CA ASP D 45 -3.76 -32.13 14.78
C ASP D 45 -3.73 -30.72 15.35
N VAL D 46 -3.85 -30.60 16.66
CA VAL D 46 -3.78 -29.30 17.32
C VAL D 46 -2.49 -28.60 16.95
N ASN D 47 -1.39 -29.36 16.85
CA ASN D 47 -0.08 -28.86 16.49
C ASN D 47 0.20 -28.83 15.00
N ALA D 48 -0.81 -29.05 14.15
CA ALA D 48 -0.64 -28.95 12.71
C ALA D 48 0.23 -27.74 12.35
N LYS D 49 1.16 -27.95 11.41
CA LYS D 49 2.15 -26.96 11.02
C LYS D 49 1.92 -26.55 9.57
N ASP D 50 1.91 -25.24 9.32
CA ASP D 50 2.02 -24.69 7.98
C ASP D 50 3.45 -24.77 7.44
N LEU D 51 3.57 -24.52 6.14
CA LEU D 51 4.87 -24.43 5.46
C LEU D 51 5.83 -23.49 6.18
N ILE D 52 5.35 -22.31 6.56
CA ILE D 52 6.15 -21.36 7.32
C ILE D 52 6.19 -21.76 8.80
N GLY D 53 5.64 -22.92 9.11
CA GLY D 53 5.61 -23.39 10.48
C GLY D 53 4.75 -22.60 11.44
N VAL D 54 3.88 -21.71 10.97
CA VAL D 54 2.92 -21.10 11.86
C VAL D 54 1.87 -22.14 12.24
N THR D 55 1.40 -22.04 13.48
CA THR D 55 0.44 -22.95 14.07
C THR D 55 -0.92 -22.28 14.23
N PRO D 56 -1.98 -23.08 14.38
CA PRO D 56 -3.27 -22.50 14.81
C PRO D 56 -3.15 -21.64 16.06
N LEU D 57 -2.28 -22.02 17.00
CA LEU D 57 -2.00 -21.16 18.15
C LEU D 57 -1.53 -19.78 17.72
N HIS D 58 -0.57 -19.71 16.79
CA HIS D 58 -0.14 -18.41 16.29
C HIS D 58 -1.29 -17.65 15.63
N LEU D 59 -2.09 -18.33 14.81
CA LEU D 59 -3.24 -17.68 14.19
C LEU D 59 -4.22 -17.14 15.23
N ALA D 60 -4.48 -17.92 16.28
CA ALA D 60 -5.40 -17.52 17.33
C ALA D 60 -4.86 -16.35 18.14
N ALA D 61 -3.58 -16.39 18.49
CA ALA D 61 -2.93 -15.24 19.10
C ALA D 61 -3.11 -14.00 18.24
N PHE D 62 -2.77 -14.11 16.94
CA PHE D 62 -2.90 -12.97 16.04
C PHE D 62 -4.33 -12.43 16.01
N SER D 63 -5.31 -13.31 15.93
CA SER D 63 -6.70 -12.90 15.76
C SER D 63 -7.35 -12.44 17.05
N GLY D 64 -6.73 -12.70 18.19
CA GLY D 64 -7.35 -12.45 19.48
C GLY D 64 -8.57 -13.30 19.79
N HIS D 65 -8.67 -14.50 19.22
CA HIS D 65 -9.80 -15.39 19.50
C HIS D 65 -9.54 -16.11 20.81
N LEU D 66 -9.83 -15.42 21.91
CA LEU D 66 -9.58 -15.96 23.25
C LEU D 66 -10.15 -17.37 23.41
N GLU D 67 -11.43 -17.56 23.14
CA GLU D 67 -12.03 -18.87 23.36
C GLU D 67 -11.42 -19.93 22.44
N ILE D 68 -11.08 -19.56 21.21
CA ILE D 68 -10.36 -20.49 20.35
C ILE D 68 -9.00 -20.84 20.95
N VAL D 69 -8.27 -19.85 21.45
CA VAL D 69 -7.03 -20.09 22.17
C VAL D 69 -7.21 -21.14 23.26
N GLU D 70 -8.18 -20.91 24.15
CA GLU D 70 -8.39 -21.85 25.25
C GLU D 70 -8.78 -23.24 24.76
N VAL D 71 -9.66 -23.32 23.77
CA VAL D 71 -10.06 -24.63 23.25
C VAL D 71 -8.89 -25.36 22.59
N LEU D 72 -7.98 -24.64 21.95
CA LEU D 72 -6.77 -25.25 21.43
C LEU D 72 -5.85 -25.73 22.55
N LEU D 73 -5.62 -24.89 23.55
CA LEU D 73 -4.76 -25.28 24.66
C LEU D 73 -5.31 -26.51 25.39
N LYS D 74 -6.60 -26.50 25.72
CA LYS D 74 -7.18 -27.71 26.29
C LYS D 74 -6.99 -28.88 25.34
N ALA D 75 -6.98 -28.61 24.03
CA ALA D 75 -6.69 -29.69 23.08
C ALA D 75 -5.18 -30.10 23.08
N SER D 76 -4.37 -29.59 24.02
CA SER D 76 -2.96 -29.97 24.19
C SER D 76 -2.05 -29.38 23.12
N ALA D 77 -2.43 -28.22 22.58
CA ALA D 77 -1.56 -27.43 21.72
C ALA D 77 -0.16 -27.24 22.29
N ASP D 78 0.84 -27.50 21.45
CA ASP D 78 2.23 -27.23 21.82
C ASP D 78 2.42 -25.74 22.04
N VAL D 79 2.41 -25.31 23.29
CA VAL D 79 2.46 -23.89 23.63
C VAL D 79 3.73 -23.22 23.08
N ASN D 80 4.84 -23.96 23.01
CA ASN D 80 6.13 -23.39 22.63
C ASN D 80 6.53 -23.67 21.18
N ALA D 81 5.66 -24.26 20.38
CA ALA D 81 5.94 -24.45 18.95
C ALA D 81 6.50 -23.19 18.31
N LYS D 82 7.61 -23.35 17.60
CA LYS D 82 8.31 -22.26 16.91
C LYS D 82 8.07 -22.38 15.40
N ASP D 83 7.56 -21.30 14.82
CA ASP D 83 7.51 -21.11 13.38
C ASP D 83 8.90 -20.96 12.77
N VAL D 84 8.95 -20.98 11.43
CA VAL D 84 10.19 -20.79 10.68
C VAL D 84 10.92 -19.51 11.08
N SER D 85 10.19 -18.50 11.54
CA SER D 85 10.88 -17.32 12.05
C SER D 85 11.38 -17.55 13.46
N GLY D 86 11.00 -18.66 14.10
CA GLY D 86 11.22 -18.92 15.50
C GLY D 86 10.25 -18.25 16.45
N ARG D 87 9.25 -17.53 15.96
CA ARG D 87 8.26 -16.95 16.85
C ARG D 87 7.34 -18.05 17.42
N THR D 88 7.11 -17.97 18.74
CA THR D 88 6.12 -18.70 19.51
C THR D 88 4.80 -17.93 19.53
N PRO D 89 3.68 -18.62 19.78
CA PRO D 89 2.44 -17.88 20.07
C PRO D 89 2.60 -16.76 21.07
N LEU D 90 3.41 -16.94 22.12
CA LEU D 90 3.68 -15.85 23.06
C LEU D 90 4.20 -14.60 22.34
N HIS D 91 5.22 -14.77 21.48
CA HIS D 91 5.65 -13.69 20.59
C HIS D 91 4.48 -12.99 19.90
N VAL D 92 3.67 -13.75 19.16
CA VAL D 92 2.54 -13.15 18.43
C VAL D 92 1.67 -12.34 19.37
N ALA D 93 1.20 -12.97 20.46
CA ALA D 93 0.36 -12.29 21.44
C ALA D 93 0.99 -11.00 21.94
N ALA D 94 2.25 -11.05 22.36
CA ALA D 94 2.97 -9.88 22.83
C ALA D 94 2.99 -8.75 21.80
N LYS D 95 3.43 -9.05 20.58
CA LYS D 95 3.44 -8.03 19.53
C LYS D 95 2.06 -7.43 19.29
N HIS D 96 1.04 -8.27 19.18
CA HIS D 96 -0.29 -7.79 18.81
C HIS D 96 -1.11 -7.25 19.98
N GLY D 97 -0.64 -7.45 21.21
CA GLY D 97 -1.30 -6.93 22.41
C GLY D 97 -2.47 -7.70 22.99
N HIS D 98 -2.62 -8.98 22.67
CA HIS D 98 -3.76 -9.79 23.12
C HIS D 98 -3.50 -10.32 24.54
N LEU D 99 -3.67 -9.41 25.50
CA LEU D 99 -3.28 -9.66 26.89
C LEU D 99 -3.93 -10.91 27.47
N GLU D 100 -5.25 -11.06 27.36
CA GLU D 100 -5.88 -12.25 27.92
C GLU D 100 -5.26 -13.52 27.35
N ILE D 101 -4.96 -13.54 26.05
CA ILE D 101 -4.24 -14.65 25.44
C ILE D 101 -2.85 -14.82 26.06
N VAL D 102 -2.11 -13.72 26.20
CA VAL D 102 -0.83 -13.78 26.91
C VAL D 102 -0.98 -14.53 28.23
N GLU D 103 -1.98 -14.13 29.03
CA GLU D 103 -2.18 -14.74 30.34
C GLU D 103 -2.54 -16.21 30.21
N VAL D 104 -3.40 -16.55 29.27
CA VAL D 104 -3.83 -17.95 29.12
C VAL D 104 -2.66 -18.82 28.65
N LEU D 105 -1.87 -18.32 27.70
CA LEU D 105 -0.64 -19.00 27.29
C LEU D 105 0.29 -19.25 28.47
N LEU D 106 0.61 -18.20 29.22
CA LEU D 106 1.50 -18.36 30.36
C LEU D 106 0.92 -19.38 31.34
N LYS D 107 -0.39 -19.33 31.60
CA LYS D 107 -0.98 -20.32 32.48
C LYS D 107 -0.86 -21.71 31.88
N ALA D 108 -0.84 -21.80 30.55
CA ALA D 108 -0.65 -23.05 29.83
C ALA D 108 0.79 -23.56 29.86
N GLY D 109 1.74 -22.77 30.33
CA GLY D 109 3.12 -23.18 30.36
C GLY D 109 4.01 -22.63 29.26
N ALA D 110 3.61 -21.54 28.60
CA ALA D 110 4.44 -20.94 27.57
C ALA D 110 5.80 -20.54 28.14
N ASP D 111 6.83 -20.70 27.33
CA ASP D 111 8.19 -20.37 27.76
C ASP D 111 8.37 -18.86 27.67
N VAL D 112 8.39 -18.19 28.82
CA VAL D 112 8.54 -16.74 28.90
C VAL D 112 9.77 -16.25 28.16
N ASN D 113 10.82 -17.05 28.12
CA ASN D 113 12.13 -16.67 27.58
C ASN D 113 12.40 -17.25 26.19
N ALA D 114 11.44 -17.92 25.57
CA ALA D 114 11.63 -18.49 24.24
C ALA D 114 12.23 -17.47 23.27
N LYS D 115 13.25 -17.90 22.53
CA LYS D 115 14.03 -17.07 21.64
C LYS D 115 13.79 -17.51 20.19
N ASP D 116 13.41 -16.56 19.34
CA ASP D 116 13.25 -16.78 17.93
C ASP D 116 14.60 -16.75 17.21
N LEU D 117 14.57 -17.04 15.91
CA LEU D 117 15.76 -17.02 15.07
C LEU D 117 16.44 -15.65 15.02
N ILE D 118 15.75 -14.59 15.41
CA ILE D 118 16.37 -13.26 15.47
C ILE D 118 16.95 -13.00 16.84
N GLY D 119 16.64 -13.83 17.84
CA GLY D 119 16.92 -13.57 19.23
C GLY D 119 15.95 -12.68 19.97
N PHE D 120 14.80 -12.33 19.38
CA PHE D 120 13.81 -11.57 20.13
C PHE D 120 13.05 -12.48 21.08
N THR D 121 12.89 -12.02 22.32
CA THR D 121 11.92 -12.55 23.26
C THR D 121 10.57 -11.90 23.05
N PRO D 122 9.48 -12.55 23.48
CA PRO D 122 8.22 -11.81 23.62
C PRO D 122 8.36 -10.51 24.39
N LEU D 123 9.15 -10.50 25.46
CA LEU D 123 9.42 -9.25 26.19
C LEU D 123 9.95 -8.15 25.26
N HIS D 124 10.96 -8.47 24.45
CA HIS D 124 11.41 -7.56 23.40
C HIS D 124 10.23 -6.99 22.62
N LEU D 125 9.36 -7.85 22.08
CA LEU D 125 8.28 -7.36 21.24
C LEU D 125 7.31 -6.46 22.00
N ALA D 126 6.83 -6.92 23.15
CA ALA D 126 6.01 -6.08 24.02
C ALA D 126 6.63 -4.71 24.28
N ALA D 127 7.90 -4.68 24.67
CA ALA D 127 8.62 -3.42 24.89
C ALA D 127 8.63 -2.54 23.64
N GLN D 128 9.05 -3.09 22.50
CA GLN D 128 9.22 -2.30 21.28
C GLN D 128 7.89 -1.84 20.70
N PHE D 129 6.82 -2.59 20.91
CA PHE D 129 5.49 -2.19 20.47
C PHE D 129 4.73 -1.38 21.51
N GLY D 130 5.29 -1.21 22.70
CA GLY D 130 4.70 -0.42 23.78
C GLY D 130 3.49 -0.96 24.50
N HIS D 131 3.48 -2.25 24.82
CA HIS D 131 2.37 -2.92 25.50
C HIS D 131 2.69 -3.07 26.99
N LEU D 132 2.50 -1.97 27.72
CA LEU D 132 2.93 -1.91 29.11
C LEU D 132 2.27 -3.00 29.97
N GLU D 133 0.95 -3.15 29.88
CA GLU D 133 0.27 -4.22 30.62
C GLU D 133 0.90 -5.59 30.36
N ILE D 134 1.14 -5.92 29.10
CA ILE D 134 1.79 -7.20 28.77
C ILE D 134 3.21 -7.24 29.32
N VAL D 135 3.95 -6.14 29.19
CA VAL D 135 5.26 -6.03 29.82
C VAL D 135 5.18 -6.44 31.29
N GLU D 136 4.23 -5.87 32.03
CA GLU D 136 4.11 -6.18 33.45
C GLU D 136 3.74 -7.65 33.67
N VAL D 137 2.85 -8.19 32.86
CA VAL D 137 2.48 -9.59 33.04
C VAL D 137 3.68 -10.49 32.78
N LEU D 138 4.44 -10.20 31.73
CA LEU D 138 5.66 -10.96 31.42
C LEU D 138 6.67 -10.87 32.55
N LEU D 139 6.86 -9.68 33.11
CA LEU D 139 7.81 -9.55 34.22
C LEU D 139 7.33 -10.36 35.43
N LYS D 140 6.04 -10.33 35.73
CA LYS D 140 5.52 -11.18 36.78
C LYS D 140 5.66 -12.66 36.46
N ALA D 141 5.81 -13.02 35.18
CA ALA D 141 5.96 -14.40 34.76
C ALA D 141 7.42 -14.83 34.60
N GLY D 142 8.36 -13.99 35.01
CA GLY D 142 9.76 -14.33 34.95
C GLY D 142 10.47 -14.01 33.66
N ALA D 143 9.91 -13.13 32.82
CA ALA D 143 10.59 -12.74 31.60
C ALA D 143 11.92 -12.09 31.94
N ASP D 144 12.94 -12.36 31.11
CA ASP D 144 14.27 -11.80 31.35
C ASP D 144 14.33 -10.39 30.77
N VAL D 145 14.36 -9.39 31.65
CA VAL D 145 14.58 -8.01 31.22
C VAL D 145 15.89 -7.89 30.46
N ASN D 146 16.91 -8.64 30.89
CA ASN D 146 18.25 -8.56 30.32
C ASN D 146 18.45 -9.35 29.04
N ALA D 147 17.48 -10.17 28.61
CA ALA D 147 17.59 -10.89 27.35
C ALA D 147 18.08 -9.99 26.23
N GLN D 148 19.18 -10.39 25.59
CA GLN D 148 19.75 -9.68 24.44
C GLN D 148 19.43 -10.43 23.16
N ASP D 149 18.89 -9.71 22.17
CA ASP D 149 18.73 -10.22 20.81
C ASP D 149 20.08 -10.37 20.11
N LYS D 150 20.01 -10.83 18.85
CA LYS D 150 21.20 -10.97 18.01
C LYS D 150 21.96 -9.66 17.85
N SER D 151 21.28 -8.53 17.98
CA SER D 151 21.95 -7.25 17.90
C SER D 151 22.58 -6.83 19.23
N GLY D 152 22.30 -7.55 20.31
CA GLY D 152 22.71 -7.10 21.64
C GLY D 152 21.80 -6.10 22.29
N LYS D 153 20.61 -5.85 21.75
CA LYS D 153 19.76 -4.78 22.24
C LYS D 153 18.84 -5.34 23.32
N THR D 154 18.85 -4.69 24.48
CA THR D 154 17.90 -5.02 25.54
C THR D 154 16.52 -4.50 25.17
N PRO D 155 15.47 -5.06 25.77
CA PRO D 155 14.15 -4.41 25.68
C PRO D 155 14.14 -2.92 26.02
N ALA D 156 14.85 -2.46 27.03
CA ALA D 156 14.91 -1.03 27.30
C ALA D 156 15.29 -0.22 26.07
N ASP D 157 16.36 -0.62 25.36
CA ASP D 157 16.73 0.01 24.10
C ASP D 157 15.56 0.07 23.11
N LEU D 158 14.90 -1.06 22.87
CA LEU D 158 13.81 -1.08 21.90
C LEU D 158 12.63 -0.21 22.34
N ALA D 159 12.35 -0.18 23.64
CA ALA D 159 11.37 0.78 24.17
C ALA D 159 11.75 2.21 23.83
N ALA D 160 12.94 2.64 24.24
CA ALA D 160 13.43 3.97 23.89
C ALA D 160 13.28 4.25 22.40
N ARG D 161 13.79 3.36 21.56
CA ARG D 161 13.73 3.55 20.11
C ARG D 161 12.30 3.69 19.61
N ALA D 162 11.36 2.97 20.23
CA ALA D 162 9.95 3.06 19.85
C ALA D 162 9.25 4.27 20.46
N GLY D 163 9.89 4.95 21.40
CA GLY D 163 9.31 6.05 22.17
C GLY D 163 8.41 5.69 23.33
N HIS D 164 8.43 4.45 23.79
CA HIS D 164 7.61 4.03 24.93
C HIS D 164 8.39 4.24 26.23
N GLN D 165 8.62 5.52 26.51
CA GLN D 165 9.46 5.92 27.62
C GLN D 165 9.01 5.31 28.94
N ASP D 166 7.70 5.30 29.21
CA ASP D 166 7.24 4.73 30.47
C ASP D 166 7.62 3.25 30.58
N ILE D 167 7.43 2.48 29.52
CA ILE D 167 7.85 1.08 29.51
C ILE D 167 9.36 0.98 29.70
N ALA D 168 10.11 1.80 28.97
CA ALA D 168 11.56 1.86 29.12
C ALA D 168 11.97 2.03 30.58
N GLU D 169 11.37 2.99 31.27
CA GLU D 169 11.72 3.25 32.66
C GLU D 169 11.22 2.14 33.59
N VAL D 170 10.09 1.50 33.25
CA VAL D 170 9.64 0.35 34.03
C VAL D 170 10.65 -0.78 33.95
N LEU D 171 11.16 -1.05 32.75
CA LEU D 171 12.12 -2.14 32.58
C LEU D 171 13.46 -1.83 33.24
N GLN D 172 13.98 -0.62 33.02
CA GLN D 172 15.21 -0.19 33.70
C GLN D 172 15.06 -0.21 35.22
N LYS D 173 13.88 0.13 35.75
CA LYS D 173 13.67 0.02 37.19
C LYS D 173 13.54 -1.43 37.65
N ALA D 174 12.97 -2.30 36.82
CA ALA D 174 12.75 -3.68 37.21
C ALA D 174 13.98 -4.56 37.07
N ALA D 175 15.10 -4.00 36.60
CA ALA D 175 16.31 -4.78 36.38
C ALA D 175 16.93 -5.20 37.72
#